data_7O2F
#
_entry.id   7O2F
#
_cell.length_a   64.250
_cell.length_b   64.250
_cell.length_c   225.770
_cell.angle_alpha   90.000
_cell.angle_beta   90.000
_cell.angle_gamma   120.000
#
_symmetry.space_group_name_H-M   'P 32 2 1'
#
loop_
_entity.id
_entity.type
_entity.pdbx_description
1 polymer 'N6-adenosine-methyltransferase catalytic subunit'
2 polymer 'N6-adenosine-methyltransferase non-catalytic subunit'
3 non-polymer 4-[4-[(4,4-dimethylpiperidin-1-yl)methyl]-2,5-bis(fluoranyl)phenyl]-9-[6-(methylamino)pyrimidin-4-yl]-1,4,9-triazaspiro[5.5]undecan-2-one
4 non-polymer 'ACETATE ION'
5 water water
#
loop_
_entity_poly.entity_id
_entity_poly.type
_entity_poly.pdbx_seq_one_letter_code
_entity_poly.pdbx_strand_id
1 'polypeptide(L)'
;MGHHHHHHSSGRENLYFQGALTQSVGGDSSADRLFPPQWICCDIRYLDVSILGKFAVVMADPPWDIHMELPYGTLTDDEM
RRLNIPVLQDDGFLFLWVTGRAMELGRECLNLWGYERVDEIIWVKTNQLQRIIRTGRTGHWLNHGKEHCLVGVKGNPQGF
NQGLDCDVIVAEVRSTSHKPDEIYGMIERLSPGTRKIELFGRPHNVQPNWITLGNQLDGIHLLDPDVVARFKQRYPDGII
SKPKNL
;
A
2 'polypeptide(L)'
;MLKGTQSLNPHNDYCQHFVDTGHRPQNFIRDVGLADRFEEYPKLRELIRLKDELIAKSNTPPMYLQADIEAFDIRELTPK
FDVILLEPPLEEYYRETGITANEKCWTWDDIMKLEIDEIAAPRSFIFLWCGSGEGLDLGRVCLRKWGYRRCEDICWIKTN
KNNPGKTKTLDPKAVFQRTKEHCLMGIKGTVKRSTDGDFIHANVDIDLIITEEPEIGNIEKPVEIFHIIEHFCLGRRRLH
LFGRDSTIRPGWLTVGPTLTNSNYNAETYASYFSAPNSYLTGCTEEIERL
;
B
#
loop_
_chem_comp.id
_chem_comp.type
_chem_comp.name
_chem_comp.formula
ACT non-polymer 'ACETATE ION' 'C2 H3 O2 -1'
UZ5 non-polymer 4-[4-[(4,4-dimethylpiperidin-1-yl)methyl]-2,5-bis(fluoranyl)phenyl]-9-[6-(methylamino)pyrimidin-4-yl]-1,4,9-triazaspiro[5.5]undecan-2-one 'C27 H37 F2 N7 O'
#
# COMPACT_ATOMS: atom_id res chain seq x y z
N LEU A 34 -29.08 -16.44 10.27
CA LEU A 34 -29.77 -16.90 9.06
C LEU A 34 -28.91 -16.70 7.80
N PHE A 35 -28.50 -17.83 7.22
CA PHE A 35 -27.49 -17.84 6.15
C PHE A 35 -27.78 -16.98 4.93
N PRO A 36 -29.00 -16.87 4.39
CA PRO A 36 -29.16 -16.23 3.06
C PRO A 36 -28.95 -14.72 3.14
N PRO A 37 -28.79 -14.03 1.99
CA PRO A 37 -28.47 -12.60 2.02
C PRO A 37 -29.51 -11.77 2.77
N GLN A 38 -29.02 -10.73 3.45
CA GLN A 38 -29.88 -9.78 4.13
C GLN A 38 -29.32 -8.38 3.91
N TRP A 39 -30.20 -7.38 3.96
CA TRP A 39 -29.76 -6.02 3.74
C TRP A 39 -30.69 -5.05 4.45
N ILE A 40 -30.24 -3.80 4.55
CA ILE A 40 -31.01 -2.71 5.13
C ILE A 40 -30.72 -1.45 4.32
N CYS A 41 -31.74 -0.89 3.69
CA CYS A 41 -31.60 0.43 3.11
C CYS A 41 -31.58 1.47 4.22
N CYS A 42 -30.52 2.23 4.32
CA CYS A 42 -30.42 3.21 5.39
C CYS A 42 -29.33 4.21 5.04
N ASP A 43 -29.30 5.30 5.81
CA ASP A 43 -28.17 6.20 5.89
C ASP A 43 -27.32 5.71 7.04
N ILE A 44 -26.12 5.17 6.72
CA ILE A 44 -25.30 4.54 7.74
C ILE A 44 -24.91 5.54 8.83
N ARG A 45 -25.03 6.84 8.56
CA ARG A 45 -24.73 7.85 9.58
C ARG A 45 -25.76 7.82 10.72
N TYR A 46 -26.99 7.44 10.44
CA TYR A 46 -28.07 7.54 11.41
C TYR A 46 -28.63 6.21 11.89
N LEU A 47 -28.38 5.11 11.18
CA LEU A 47 -28.83 3.82 11.68
C LEU A 47 -28.20 3.52 13.02
N ASP A 48 -29.00 2.96 13.93
CA ASP A 48 -28.51 2.44 15.20
C ASP A 48 -27.95 1.04 14.96
N VAL A 49 -26.64 0.93 14.76
CA VAL A 49 -26.08 -0.37 14.40
C VAL A 49 -26.02 -1.34 15.57
N SER A 50 -26.30 -0.90 16.81
CA SER A 50 -26.27 -1.81 17.94
C SER A 50 -27.33 -2.91 17.84
N ILE A 51 -28.33 -2.75 16.97
CA ILE A 51 -29.34 -3.80 16.82
C ILE A 51 -28.83 -4.99 16.03
N LEU A 52 -27.67 -4.87 15.38
CA LEU A 52 -27.17 -5.90 14.47
C LEU A 52 -26.36 -6.98 15.16
N GLY A 53 -25.92 -6.77 16.40
CA GLY A 53 -25.09 -7.77 17.05
C GLY A 53 -23.64 -7.67 16.61
N LYS A 54 -22.92 -8.78 16.79
CA LYS A 54 -21.47 -8.83 16.63
C LYS A 54 -21.09 -9.64 15.40
N PHE A 55 -20.00 -9.23 14.74
CA PHE A 55 -19.61 -9.84 13.48
C PHE A 55 -18.18 -10.30 13.52
N ALA A 56 -17.90 -11.38 12.79
CA ALA A 56 -16.53 -11.87 12.69
C ALA A 56 -15.72 -11.04 11.71
N VAL A 57 -16.35 -10.53 10.67
CA VAL A 57 -15.68 -9.72 9.65
C VAL A 57 -16.57 -8.52 9.38
N VAL A 58 -15.95 -7.34 9.31
CA VAL A 58 -16.58 -6.13 8.80
C VAL A 58 -15.84 -5.72 7.55
N MET A 59 -16.57 -5.31 6.52
CA MET A 59 -15.94 -4.75 5.34
C MET A 59 -16.62 -3.43 5.01
N ALA A 60 -15.83 -2.44 4.58
CA ALA A 60 -16.36 -1.17 4.15
C ALA A 60 -15.57 -0.66 2.95
N ASP A 61 -16.30 -0.12 1.97
CA ASP A 61 -15.70 0.63 0.86
C ASP A 61 -16.33 2.02 0.94
N PRO A 62 -15.87 2.85 1.89
CA PRO A 62 -16.62 4.06 2.21
C PRO A 62 -16.48 5.11 1.12
N PRO A 63 -17.47 6.01 0.98
CA PRO A 63 -17.34 7.17 0.07
C PRO A 63 -16.50 8.28 0.68
N TRP A 64 -15.20 8.05 0.73
CA TRP A 64 -14.28 9.03 1.27
C TRP A 64 -14.33 10.31 0.45
N ASP A 65 -14.20 11.44 1.15
CA ASP A 65 -13.90 12.73 0.56
C ASP A 65 -12.45 12.79 0.10
N ILE A 66 -12.16 12.34 -1.13
CA ILE A 66 -10.78 12.26 -1.58
C ILE A 66 -10.33 13.56 -2.22
N HIS A 67 -11.03 14.66 -1.92
CA HIS A 67 -10.67 15.99 -2.43
C HIS A 67 -10.62 16.00 -3.95
N MET A 68 -11.56 15.28 -4.58
CA MET A 68 -11.84 15.41 -6.00
C MET A 68 -13.35 15.42 -6.17
N GLU A 69 -13.81 15.79 -7.36
CA GLU A 69 -15.23 15.77 -7.65
C GLU A 69 -15.65 14.35 -8.01
N LEU A 70 -16.67 13.84 -7.31
CA LEU A 70 -17.09 12.46 -7.51
C LEU A 70 -18.56 12.42 -7.92
N PRO A 71 -18.97 11.37 -8.65
CA PRO A 71 -20.38 11.24 -9.03
C PRO A 71 -21.30 10.75 -7.93
N TYR A 72 -20.81 10.52 -6.72
CA TYR A 72 -21.64 10.09 -5.61
C TYR A 72 -21.41 11.02 -4.42
N GLY A 73 -22.33 10.97 -3.47
CA GLY A 73 -22.18 11.76 -2.27
C GLY A 73 -21.12 11.18 -1.35
N THR A 74 -20.41 12.08 -0.68
CA THR A 74 -19.28 11.73 0.16
C THR A 74 -19.58 12.02 1.63
N LEU A 75 -18.85 11.34 2.51
CA LEU A 75 -18.91 11.57 3.95
C LEU A 75 -17.68 12.37 4.35
N THR A 76 -17.87 13.35 5.23
CA THR A 76 -16.71 14.13 5.62
C THR A 76 -15.80 13.29 6.50
N ASP A 77 -14.60 13.80 6.73
CA ASP A 77 -13.67 13.12 7.61
C ASP A 77 -14.28 12.90 8.99
N ASP A 78 -14.96 13.92 9.54
CA ASP A 78 -15.52 13.76 10.88
C ASP A 78 -16.66 12.75 10.89
N GLU A 79 -17.46 12.69 9.83
CA GLU A 79 -18.53 11.70 9.79
C GLU A 79 -17.96 10.29 9.74
N MET A 80 -16.87 10.10 8.98
CA MET A 80 -16.19 8.80 8.96
C MET A 80 -15.67 8.43 10.33
N ARG A 81 -14.99 9.36 11.01
CA ARG A 81 -14.45 9.07 12.34
C ARG A 81 -15.57 8.68 13.29
N ARG A 82 -16.70 9.38 13.22
CA ARG A 82 -17.77 9.17 14.18
C ARG A 82 -18.61 7.92 13.90
N LEU A 83 -18.38 7.22 12.78
CA LEU A 83 -19.13 6.00 12.52
C LEU A 83 -18.97 5.02 13.66
N ASN A 84 -20.07 4.35 14.01
CA ASN A 84 -20.06 3.46 15.17
C ASN A 84 -19.56 2.07 14.83
N ILE A 85 -18.41 2.04 14.17
CA ILE A 85 -17.72 0.77 13.93
C ILE A 85 -17.44 0.02 15.22
N PRO A 86 -17.07 0.66 16.35
CA PRO A 86 -16.64 -0.14 17.51
C PRO A 86 -17.68 -1.09 18.07
N VAL A 87 -18.98 -0.82 17.94
CA VAL A 87 -19.99 -1.71 18.52
C VAL A 87 -20.20 -2.97 17.68
N LEU A 88 -19.63 -3.03 16.47
CA LEU A 88 -19.92 -4.10 15.53
C LEU A 88 -19.14 -5.39 15.80
N GLN A 89 -17.96 -5.32 16.44
CA GLN A 89 -17.17 -6.53 16.68
C GLN A 89 -16.59 -6.52 18.09
N ASP A 90 -16.28 -7.72 18.59
CA ASP A 90 -15.42 -7.95 19.75
C ASP A 90 -14.07 -8.54 19.37
N ASP A 91 -14.05 -9.59 18.55
CA ASP A 91 -12.83 -10.21 18.06
C ASP A 91 -12.99 -10.54 16.59
N GLY A 92 -12.25 -9.86 15.73
CA GLY A 92 -12.30 -10.19 14.31
C GLY A 92 -11.55 -9.17 13.47
N PHE A 93 -11.88 -9.18 12.19
CA PHE A 93 -11.12 -8.46 11.19
C PHE A 93 -11.97 -7.43 10.49
N LEU A 94 -11.35 -6.31 10.13
CA LEU A 94 -11.98 -5.25 9.35
C LEU A 94 -11.26 -5.11 8.03
N PHE A 95 -12.02 -5.03 6.94
CA PHE A 95 -11.48 -4.86 5.59
C PHE A 95 -11.94 -3.50 5.08
N LEU A 96 -10.97 -2.61 4.81
CA LEU A 96 -11.26 -1.18 4.59
C LEU A 96 -10.61 -0.72 3.29
N TRP A 97 -11.41 -0.50 2.26
CA TRP A 97 -10.87 -0.02 0.99
C TRP A 97 -10.52 1.46 1.10
N VAL A 98 -9.34 1.83 0.57
CA VAL A 98 -8.84 3.20 0.65
C VAL A 98 -8.24 3.60 -0.70
N THR A 99 -8.40 4.88 -1.08
CA THR A 99 -7.70 5.45 -2.22
C THR A 99 -7.25 6.86 -1.89
N GLY A 100 -6.23 7.34 -2.59
CA GLY A 100 -5.76 8.70 -2.42
C GLY A 100 -5.44 9.01 -0.96
N ARG A 101 -5.93 10.17 -0.48
CA ARG A 101 -5.63 10.59 0.89
C ARG A 101 -6.24 9.67 1.93
N ALA A 102 -7.21 8.83 1.56
CA ALA A 102 -7.76 7.86 2.48
C ALA A 102 -6.79 6.75 2.84
N MET A 103 -5.71 6.59 2.09
CA MET A 103 -4.69 5.66 2.53
C MET A 103 -4.21 6.03 3.93
N GLU A 104 -4.14 7.32 4.22
CA GLU A 104 -3.76 7.86 5.51
C GLU A 104 -4.96 8.02 6.45
N LEU A 105 -6.03 8.67 5.98
CA LEU A 105 -7.20 8.87 6.80
C LEU A 105 -7.82 7.53 7.21
N GLY A 106 -7.84 6.56 6.28
CA GLY A 106 -8.34 5.24 6.61
C GLY A 106 -7.53 4.59 7.72
N ARG A 107 -6.22 4.82 7.75
CA ARG A 107 -5.39 4.28 8.83
C ARG A 107 -5.75 4.93 10.16
N GLU A 108 -6.03 6.23 10.13
CA GLU A 108 -6.48 6.94 11.32
C GLU A 108 -7.81 6.37 11.85
N CYS A 109 -8.80 6.25 10.96
CA CYS A 109 -10.09 5.73 11.38
C CYS A 109 -9.94 4.33 11.95
N LEU A 110 -9.20 3.48 11.23
CA LEU A 110 -8.92 2.13 11.70
C LEU A 110 -8.40 2.13 13.14
N ASN A 111 -7.39 2.95 13.45
CA ASN A 111 -6.86 2.98 14.81
C ASN A 111 -7.87 3.58 15.79
N LEU A 112 -8.53 4.67 15.39
CA LEU A 112 -9.53 5.31 16.25
C LEU A 112 -10.61 4.31 16.65
N TRP A 113 -11.10 3.53 15.68
CA TRP A 113 -12.15 2.55 15.96
C TRP A 113 -11.67 1.36 16.78
N GLY A 114 -10.38 1.27 17.09
CA GLY A 114 -9.86 0.20 17.91
C GLY A 114 -9.17 -0.94 17.19
N TYR A 115 -8.76 -0.76 15.94
CA TYR A 115 -8.12 -1.82 15.19
C TYR A 115 -6.63 -1.56 15.03
N GLU A 116 -5.86 -2.64 14.91
CA GLU A 116 -4.49 -2.57 14.46
C GLU A 116 -4.45 -3.04 13.01
N ARG A 117 -3.75 -2.31 12.13
CA ARG A 117 -3.63 -2.74 10.74
C ARG A 117 -2.57 -3.83 10.66
N VAL A 118 -2.96 -5.04 10.26
CA VAL A 118 -2.03 -6.17 10.23
C VAL A 118 -1.78 -6.70 8.83
N ASP A 119 -2.47 -6.20 7.80
CA ASP A 119 -2.18 -6.63 6.44
C ASP A 119 -2.72 -5.58 5.49
N GLU A 120 -2.35 -5.71 4.22
CA GLU A 120 -2.88 -4.79 3.23
C GLU A 120 -2.98 -5.50 1.89
N ILE A 121 -4.18 -5.68 1.40
CA ILE A 121 -4.45 -6.39 0.15
C ILE A 121 -4.37 -5.40 -1.00
N ILE A 122 -3.75 -5.80 -2.11
CA ILE A 122 -3.89 -4.97 -3.30
C ILE A 122 -4.58 -5.78 -4.38
N TRP A 123 -5.38 -5.11 -5.19
CA TRP A 123 -6.05 -5.71 -6.34
C TRP A 123 -5.38 -5.15 -7.59
N VAL A 124 -4.67 -6.00 -8.32
CA VAL A 124 -4.12 -5.65 -9.63
C VAL A 124 -5.23 -5.73 -10.66
N LYS A 125 -5.53 -4.61 -11.30
CA LYS A 125 -6.62 -4.50 -12.26
C LYS A 125 -6.14 -4.92 -13.65
N THR A 126 -6.73 -5.98 -14.20
CA THR A 126 -6.43 -6.44 -15.55
C THR A 126 -7.64 -6.30 -16.46
N ASN A 127 -7.43 -6.59 -17.75
CA ASN A 127 -8.52 -6.78 -18.69
C ASN A 127 -8.84 -8.28 -18.79
N GLN A 128 -9.70 -8.64 -19.74
CA GLN A 128 -10.05 -10.05 -19.92
C GLN A 128 -8.87 -10.88 -20.41
N LEU A 129 -7.82 -10.25 -20.96
CA LEU A 129 -6.62 -10.95 -21.40
C LEU A 129 -5.46 -10.84 -20.40
N GLN A 130 -5.75 -10.54 -19.12
CA GLN A 130 -4.77 -10.58 -18.03
C GLN A 130 -3.64 -9.58 -18.22
N ARG A 131 -3.92 -8.44 -18.84
CA ARG A 131 -2.95 -7.37 -18.98
C ARG A 131 -3.36 -6.21 -18.08
N ILE A 132 -2.37 -5.57 -17.44
CA ILE A 132 -2.67 -4.52 -16.47
C ILE A 132 -3.34 -3.34 -17.17
N ILE A 133 -4.50 -2.95 -16.68
CA ILE A 133 -5.20 -1.77 -17.17
C ILE A 133 -4.30 -0.53 -17.09
N HIS A 140 -1.35 10.55 -10.50
CA HIS A 140 -0.83 11.91 -10.38
C HIS A 140 0.63 11.99 -10.86
N TRP A 141 1.50 11.20 -10.23
CA TRP A 141 2.85 11.00 -10.75
C TRP A 141 2.98 9.70 -11.52
N LEU A 142 2.16 8.72 -11.20
CA LEU A 142 2.18 7.41 -11.82
C LEU A 142 0.76 7.02 -12.19
N ASN A 143 0.63 6.26 -13.27
CA ASN A 143 -0.65 5.61 -13.52
C ASN A 143 -0.88 4.53 -12.48
N HIS A 144 -2.14 4.32 -12.10
CA HIS A 144 -2.48 3.43 -11.01
C HIS A 144 -2.96 2.09 -11.55
N GLY A 145 -2.22 1.03 -11.25
CA GLY A 145 -2.60 -0.30 -11.65
C GLY A 145 -3.29 -1.14 -10.59
N LYS A 146 -3.64 -0.55 -9.44
CA LYS A 146 -4.09 -1.35 -8.31
C LYS A 146 -5.02 -0.54 -7.41
N GLU A 147 -5.75 -1.25 -6.55
CA GLU A 147 -6.53 -0.65 -5.47
C GLU A 147 -6.14 -1.35 -4.17
N HIS A 148 -6.25 -0.62 -3.07
CA HIS A 148 -5.76 -1.04 -1.75
C HIS A 148 -6.93 -1.30 -0.80
N CYS A 149 -6.81 -2.37 -0.03
CA CYS A 149 -7.74 -2.69 1.04
C CYS A 149 -6.93 -2.95 2.31
N LEU A 150 -7.12 -2.12 3.33
CA LEU A 150 -6.45 -2.34 4.61
C LEU A 150 -7.15 -3.46 5.38
N VAL A 151 -6.39 -4.26 6.08
CA VAL A 151 -6.94 -5.31 6.96
C VAL A 151 -6.60 -4.95 8.39
N GLY A 152 -7.62 -4.72 9.22
CA GLY A 152 -7.44 -4.45 10.63
C GLY A 152 -7.90 -5.61 11.50
N VAL A 153 -7.25 -5.79 12.65
CA VAL A 153 -7.65 -6.80 13.63
C VAL A 153 -8.07 -6.11 14.91
N LYS A 154 -9.08 -6.68 15.57
CA LYS A 154 -9.55 -6.21 16.85
C LYS A 154 -9.66 -7.41 17.79
N GLY A 155 -9.21 -7.23 19.03
CA GLY A 155 -9.29 -8.29 20.01
C GLY A 155 -8.38 -9.46 19.67
N ASN A 156 -8.81 -10.67 20.06
CA ASN A 156 -8.05 -11.90 19.86
C ASN A 156 -8.88 -12.89 19.06
N PRO A 157 -8.93 -12.75 17.73
CA PRO A 157 -9.71 -13.71 16.94
C PRO A 157 -9.14 -15.11 17.03
N GLN A 158 -10.03 -16.09 17.21
CA GLN A 158 -9.68 -17.49 17.34
C GLN A 158 -10.54 -18.31 16.41
N GLY A 159 -9.93 -19.31 15.77
CA GLY A 159 -10.64 -20.17 14.84
C GLY A 159 -10.66 -19.68 13.41
N PHE A 160 -9.90 -18.66 13.08
CA PHE A 160 -9.84 -18.22 11.70
C PHE A 160 -8.72 -18.97 10.98
N ASN A 161 -8.80 -18.99 9.66
CA ASN A 161 -7.85 -19.74 8.82
C ASN A 161 -6.85 -18.78 8.18
N GLN A 162 -5.94 -18.26 9.00
CA GLN A 162 -5.00 -17.26 8.53
C GLN A 162 -3.92 -17.90 7.67
N GLY A 163 -3.59 -17.24 6.56
CA GLY A 163 -2.53 -17.71 5.68
C GLY A 163 -2.98 -18.57 4.52
N LEU A 164 -4.29 -18.78 4.35
CA LEU A 164 -4.76 -19.55 3.22
C LEU A 164 -4.59 -18.79 1.91
N ASP A 165 -5.00 -17.53 1.88
CA ASP A 165 -4.83 -16.70 0.70
C ASP A 165 -3.63 -15.79 0.83
N CYS A 166 -3.19 -15.26 -0.31
CA CYS A 166 -2.12 -14.29 -0.31
C CYS A 166 -2.71 -12.89 -0.53
N ASP A 167 -1.85 -11.87 -0.36
CA ASP A 167 -2.34 -10.50 -0.29
C ASP A 167 -2.38 -9.78 -1.64
N VAL A 168 -2.36 -10.50 -2.75
CA VAL A 168 -2.52 -9.89 -4.07
C VAL A 168 -3.71 -10.53 -4.77
N ILE A 169 -4.65 -9.69 -5.23
CA ILE A 169 -5.78 -10.12 -6.07
C ILE A 169 -5.49 -9.70 -7.50
N VAL A 170 -5.62 -10.64 -8.43
CA VAL A 170 -5.51 -10.35 -9.86
C VAL A 170 -6.87 -10.67 -10.46
N ALA A 171 -7.54 -9.66 -11.02
CA ALA A 171 -8.91 -9.83 -11.50
C ALA A 171 -9.25 -8.70 -12.47
N GLU A 172 -10.30 -8.93 -13.25
CA GLU A 172 -10.70 -7.98 -14.28
C GLU A 172 -11.66 -6.95 -13.72
N VAL A 173 -11.54 -5.71 -14.19
CA VAL A 173 -12.50 -4.67 -13.84
C VAL A 173 -13.84 -5.04 -14.47
N ARG A 174 -14.70 -5.73 -13.70
CA ARG A 174 -15.98 -6.15 -14.25
C ARG A 174 -16.93 -4.98 -14.41
N SER A 175 -16.78 -3.94 -13.59
CA SER A 175 -17.58 -2.73 -13.66
C SER A 175 -16.90 -1.66 -12.82
N THR A 176 -17.01 -0.42 -13.27
CA THR A 176 -16.37 0.67 -12.55
C THR A 176 -17.06 0.88 -11.21
N SER A 177 -16.30 1.38 -10.24
CA SER A 177 -16.72 1.61 -8.86
C SER A 177 -16.96 0.32 -8.08
N HIS A 178 -16.80 -0.87 -8.70
CA HIS A 178 -17.05 -2.13 -8.02
C HIS A 178 -15.76 -2.75 -7.51
N LYS A 179 -15.80 -3.28 -6.30
CA LYS A 179 -14.71 -4.07 -5.78
C LYS A 179 -14.78 -5.46 -6.42
N PRO A 180 -13.66 -6.19 -6.46
CA PRO A 180 -13.66 -7.52 -7.10
C PRO A 180 -14.29 -8.59 -6.22
N ASP A 181 -15.07 -9.49 -6.85
CA ASP A 181 -15.80 -10.49 -6.07
C ASP A 181 -14.87 -11.44 -5.33
N GLU A 182 -13.63 -11.60 -5.81
CA GLU A 182 -12.68 -12.48 -5.14
C GLU A 182 -12.56 -12.16 -3.63
N ILE A 183 -12.77 -10.90 -3.22
CA ILE A 183 -12.60 -10.56 -1.81
C ILE A 183 -13.57 -11.34 -0.93
N TYR A 184 -14.76 -11.65 -1.45
CA TYR A 184 -15.72 -12.42 -0.67
C TYR A 184 -15.24 -13.86 -0.48
N GLY A 185 -14.61 -14.43 -1.51
CA GLY A 185 -14.06 -15.77 -1.38
C GLY A 185 -12.95 -15.85 -0.34
N MET A 186 -12.00 -14.90 -0.40
CA MET A 186 -10.92 -14.86 0.58
C MET A 186 -11.46 -14.69 2.01
N ILE A 187 -12.51 -13.89 2.17
CA ILE A 187 -13.05 -13.70 3.52
C ILE A 187 -13.78 -14.95 3.99
N GLU A 188 -14.51 -15.61 3.08
CA GLU A 188 -15.16 -16.87 3.48
C GLU A 188 -14.15 -17.95 3.83
N ARG A 189 -13.06 -18.07 3.07
CA ARG A 189 -12.07 -19.08 3.44
C ARG A 189 -11.39 -18.72 4.75
N LEU A 190 -11.25 -17.42 5.01
CA LEU A 190 -10.62 -16.97 6.25
C LEU A 190 -11.51 -17.28 7.45
N SER A 191 -12.82 -17.08 7.31
CA SER A 191 -13.78 -17.27 8.41
C SER A 191 -15.04 -17.92 7.85
N PRO A 192 -15.03 -19.25 7.67
CA PRO A 192 -16.18 -19.90 7.02
C PRO A 192 -17.39 -19.94 7.94
N GLY A 193 -18.55 -19.60 7.39
CA GLY A 193 -19.82 -19.74 8.08
C GLY A 193 -20.19 -18.64 9.07
N THR A 194 -19.26 -17.75 9.44
CA THR A 194 -19.52 -16.72 10.44
C THR A 194 -20.35 -15.56 9.87
N ARG A 195 -20.86 -14.72 10.78
CA ARG A 195 -21.65 -13.54 10.43
C ARG A 195 -20.75 -12.40 9.97
N LYS A 196 -21.16 -11.71 8.90
CA LYS A 196 -20.38 -10.63 8.32
C LYS A 196 -21.29 -9.45 7.99
N ILE A 197 -20.70 -8.27 7.96
CA ILE A 197 -21.48 -7.07 7.65
C ILE A 197 -20.65 -6.17 6.74
N GLU A 198 -21.28 -5.71 5.68
CA GLU A 198 -20.67 -4.75 4.77
C GLU A 198 -21.38 -3.42 4.90
N LEU A 199 -20.60 -2.36 5.00
CA LEU A 199 -21.08 -0.99 5.07
C LEU A 199 -20.84 -0.31 3.72
N PHE A 200 -21.82 0.46 3.26
CA PHE A 200 -21.75 1.15 1.97
C PHE A 200 -21.73 0.15 0.82
N GLY A 201 -22.48 -0.94 0.96
CA GLY A 201 -22.64 -1.86 -0.13
C GLY A 201 -23.74 -1.39 -1.08
N ARG A 202 -23.80 -2.05 -2.22
CA ARG A 202 -24.83 -1.80 -3.23
C ARG A 202 -25.47 -3.14 -3.57
N PRO A 203 -26.57 -3.14 -4.33
CA PRO A 203 -27.34 -4.40 -4.50
C PRO A 203 -26.49 -5.55 -5.03
N HIS A 204 -25.58 -5.31 -5.97
CA HIS A 204 -24.69 -6.37 -6.44
C HIS A 204 -23.84 -6.98 -5.32
N ASN A 205 -23.76 -6.34 -4.16
CA ASN A 205 -22.88 -6.81 -3.11
C ASN A 205 -23.52 -7.80 -2.17
N VAL A 206 -24.83 -8.06 -2.26
CA VAL A 206 -25.46 -8.89 -1.24
C VAL A 206 -25.00 -10.34 -1.40
N GLN A 207 -24.76 -11.00 -0.27
CA GLN A 207 -24.06 -12.28 -0.22
C GLN A 207 -24.61 -13.08 0.94
N PRO A 208 -24.70 -14.40 0.81
CA PRO A 208 -25.02 -15.22 2.00
C PRO A 208 -24.01 -14.97 3.10
N ASN A 209 -24.49 -15.05 4.34
CA ASN A 209 -23.71 -14.81 5.55
C ASN A 209 -23.43 -13.32 5.79
N TRP A 210 -23.82 -12.46 4.85
CA TRP A 210 -23.58 -11.02 4.97
C TRP A 210 -24.89 -10.26 5.18
N ILE A 211 -24.82 -9.21 6.02
CA ILE A 211 -25.84 -8.18 6.10
C ILE A 211 -25.25 -6.94 5.44
N THR A 212 -25.94 -6.43 4.42
CA THR A 212 -25.42 -5.32 3.64
C THR A 212 -26.17 -4.04 3.95
N LEU A 213 -25.44 -2.96 4.26
CA LEU A 213 -26.03 -1.66 4.52
C LEU A 213 -25.60 -0.69 3.44
N GLY A 214 -26.58 0.07 2.94
CA GLY A 214 -26.37 1.04 1.89
C GLY A 214 -27.67 1.78 1.62
N ASN A 215 -27.60 2.99 1.08
CA ASN A 215 -28.78 3.81 0.87
C ASN A 215 -29.44 3.60 -0.50
N GLN A 216 -28.90 2.72 -1.35
CA GLN A 216 -29.54 2.39 -2.61
C GLN A 216 -30.03 0.95 -2.63
N LEU A 217 -30.21 0.35 -1.47
CA LEU A 217 -30.71 -1.01 -1.39
C LEU A 217 -32.23 -0.98 -1.41
N ASP A 218 -32.82 -2.11 -1.78
CA ASP A 218 -34.27 -2.21 -1.94
C ASP A 218 -34.90 -2.56 -0.59
N GLY A 219 -35.18 -1.52 0.20
CA GLY A 219 -35.95 -1.71 1.42
C GLY A 219 -35.15 -2.38 2.53
N ILE A 220 -35.85 -3.15 3.37
CA ILE A 220 -35.26 -3.85 4.50
C ILE A 220 -35.60 -5.33 4.34
N HIS A 221 -34.58 -6.18 4.29
CA HIS A 221 -34.76 -7.62 4.12
C HIS A 221 -33.93 -8.34 5.18
N LEU A 222 -34.55 -8.68 6.30
CA LEU A 222 -33.87 -9.25 7.47
C LEU A 222 -34.52 -10.56 7.83
N LEU A 223 -33.70 -11.60 7.98
CA LEU A 223 -34.18 -12.95 8.19
C LEU A 223 -33.70 -13.56 9.50
N ASP A 224 -32.59 -13.07 10.05
CA ASP A 224 -32.06 -13.51 11.34
C ASP A 224 -33.02 -13.12 12.46
N PRO A 225 -33.53 -14.07 13.25
CA PRO A 225 -34.57 -13.72 14.24
C PRO A 225 -34.09 -12.81 15.36
N ASP A 226 -32.81 -12.86 15.74
CA ASP A 226 -32.33 -11.92 16.74
C ASP A 226 -32.36 -10.50 16.21
N VAL A 227 -31.88 -10.31 14.98
CA VAL A 227 -31.86 -8.99 14.37
C VAL A 227 -33.28 -8.48 14.15
N VAL A 228 -34.18 -9.35 13.69
CA VAL A 228 -35.56 -8.95 13.39
C VAL A 228 -36.23 -8.40 14.64
N ALA A 229 -36.09 -9.13 15.75
CA ALA A 229 -36.63 -8.69 17.04
C ALA A 229 -36.06 -7.33 17.45
N ARG A 230 -34.73 -7.22 17.50
CA ARG A 230 -34.12 -5.95 17.86
C ARG A 230 -34.53 -4.84 16.91
N PHE A 231 -34.74 -5.15 15.63
CA PHE A 231 -35.14 -4.11 14.71
C PHE A 231 -36.55 -3.62 15.03
N LYS A 232 -37.48 -4.56 15.28
CA LYS A 232 -38.85 -4.19 15.63
C LYS A 232 -38.89 -3.30 16.87
N GLN A 233 -38.16 -3.70 17.92
CA GLN A 233 -38.11 -2.95 19.16
C GLN A 233 -37.58 -1.53 18.96
N ARG A 234 -36.40 -1.39 18.33
CA ARG A 234 -35.80 -0.08 18.14
C ARG A 234 -36.53 0.75 17.07
N TYR A 235 -37.14 0.11 16.08
CA TYR A 235 -37.80 0.82 14.97
C TYR A 235 -39.22 0.28 14.76
N PRO A 236 -40.14 0.57 15.69
CA PRO A 236 -41.49 -0.01 15.59
C PRO A 236 -42.28 0.45 14.37
N ASP A 237 -41.96 1.61 13.79
CA ASP A 237 -42.64 2.08 12.59
C ASP A 237 -41.76 1.97 11.35
N GLY A 238 -40.66 1.22 11.40
CA GLY A 238 -39.82 1.00 10.24
C GLY A 238 -39.20 2.26 9.65
N ILE A 239 -38.77 3.20 10.49
CA ILE A 239 -38.19 4.45 10.00
C ILE A 239 -36.98 4.79 10.86
N ILE A 240 -35.87 5.17 10.22
CA ILE A 240 -34.66 5.64 10.90
C ILE A 240 -34.44 7.10 10.53
N SER A 241 -34.33 7.97 11.53
CA SER A 241 -34.32 9.41 11.27
C SER A 241 -33.07 10.12 11.79
N LYS A 242 -33.03 10.43 13.09
CA LYS A 242 -31.97 11.27 13.64
C LYS A 242 -30.62 10.55 13.69
N ASN B 12 -12.09 -16.43 -14.23
CA ASN B 12 -11.40 -17.33 -13.32
C ASN B 12 -11.02 -16.61 -12.03
N ASP B 13 -11.13 -17.32 -10.90
CA ASP B 13 -10.77 -16.78 -9.58
C ASP B 13 -9.36 -17.28 -9.25
N TYR B 14 -8.36 -16.40 -9.43
CA TYR B 14 -6.98 -16.78 -9.17
C TYR B 14 -6.66 -16.90 -7.68
N CYS B 15 -7.47 -16.29 -6.80
CA CYS B 15 -7.27 -16.52 -5.38
C CYS B 15 -7.54 -17.98 -5.03
N GLN B 16 -8.70 -18.50 -5.46
CA GLN B 16 -8.99 -19.92 -5.34
C GLN B 16 -7.88 -20.76 -5.91
N HIS B 17 -7.42 -20.41 -7.13
CA HIS B 17 -6.35 -21.17 -7.76
C HIS B 17 -5.10 -21.22 -6.90
N PHE B 18 -4.76 -20.10 -6.25
CA PHE B 18 -3.58 -20.10 -5.39
C PHE B 18 -3.79 -21.04 -4.20
N VAL B 19 -5.00 -21.07 -3.66
CA VAL B 19 -5.33 -22.01 -2.60
C VAL B 19 -5.20 -23.44 -3.11
N ASP B 20 -5.58 -23.66 -4.38
CA ASP B 20 -5.59 -25.01 -4.95
C ASP B 20 -4.18 -25.51 -5.24
N THR B 21 -3.33 -24.64 -5.80
CA THR B 21 -2.08 -25.05 -6.43
C THR B 21 -0.82 -24.46 -5.81
N GLY B 22 -0.91 -23.33 -5.12
CA GLY B 22 0.27 -22.64 -4.64
C GLY B 22 0.87 -21.65 -5.60
N HIS B 23 0.31 -21.51 -6.80
CA HIS B 23 0.73 -20.47 -7.73
C HIS B 23 0.07 -19.14 -7.35
N ARG B 24 0.89 -18.15 -7.07
CA ARG B 24 0.38 -16.84 -6.71
C ARG B 24 -0.41 -16.24 -7.89
N PRO B 25 -1.48 -15.49 -7.60
CA PRO B 25 -2.27 -14.89 -8.70
C PRO B 25 -1.43 -14.04 -9.65
N GLN B 26 -0.43 -13.33 -9.13
CA GLN B 26 0.42 -12.49 -9.98
C GLN B 26 1.26 -13.31 -10.96
N ASN B 27 1.43 -14.62 -10.73
CA ASN B 27 2.08 -15.47 -11.72
C ASN B 27 1.40 -15.40 -13.08
N PHE B 28 0.12 -15.00 -13.14
CA PHE B 28 -0.67 -15.07 -14.37
C PHE B 28 -0.90 -13.72 -15.04
N ILE B 29 -0.37 -12.64 -14.48
CA ILE B 29 -0.36 -11.38 -15.21
C ILE B 29 0.51 -11.54 -16.45
N ARG B 30 0.04 -11.05 -17.58
CA ARG B 30 0.73 -11.19 -18.85
C ARG B 30 1.43 -9.89 -19.22
N ASP B 31 2.59 -10.03 -19.88
CA ASP B 31 3.38 -8.89 -20.37
C ASP B 31 3.86 -8.03 -19.20
N VAL B 32 4.56 -8.68 -18.27
CA VAL B 32 4.92 -8.06 -17.01
C VAL B 32 6.33 -8.47 -16.55
N GLU B 46 11.19 6.06 -31.05
CA GLU B 46 11.27 4.77 -30.38
C GLU B 46 10.63 4.86 -28.99
N LEU B 47 9.64 5.73 -28.87
CA LEU B 47 8.83 5.89 -27.65
C LEU B 47 9.71 6.50 -26.57
N ILE B 48 9.81 5.91 -25.38
CA ILE B 48 10.55 6.54 -24.27
C ILE B 48 11.99 6.05 -24.22
N ARG B 49 12.69 6.15 -25.36
CA ARG B 49 14.10 5.84 -25.44
C ARG B 49 14.96 7.09 -25.61
N LEU B 50 14.40 8.19 -26.10
CA LEU B 50 15.08 9.47 -25.98
C LEU B 50 15.31 9.80 -24.51
N LYS B 51 14.21 9.96 -23.76
CA LYS B 51 14.25 9.73 -22.33
C LYS B 51 14.85 8.36 -22.08
N ASP B 52 15.78 8.31 -21.12
CA ASP B 52 16.77 7.23 -20.90
C ASP B 52 18.08 7.65 -21.54
N GLU B 53 18.06 7.95 -22.84
CA GLU B 53 19.28 8.46 -23.48
C GLU B 53 19.61 9.86 -22.99
N LEU B 54 18.60 10.72 -22.87
CA LEU B 54 18.80 12.01 -22.23
C LEU B 54 19.19 11.84 -20.76
N ILE B 55 18.52 10.92 -20.05
CA ILE B 55 18.91 10.63 -18.67
C ILE B 55 20.38 10.24 -18.62
N ALA B 56 20.79 9.31 -19.51
CA ALA B 56 22.15 8.79 -19.45
C ALA B 56 23.18 9.88 -19.76
N LYS B 57 22.85 10.79 -20.67
CA LYS B 57 23.75 11.91 -20.94
C LYS B 57 23.81 12.85 -19.74
N SER B 58 22.68 13.07 -19.08
CA SER B 58 22.64 14.01 -17.96
C SER B 58 23.36 13.46 -16.73
N ASN B 59 23.44 12.14 -16.59
CA ASN B 59 23.88 11.53 -15.33
C ASN B 59 25.26 11.99 -14.91
N THR B 60 25.41 12.32 -13.63
CA THR B 60 26.71 12.52 -13.03
C THR B 60 27.47 11.19 -13.00
N PRO B 61 28.79 11.24 -12.92
CA PRO B 61 29.57 10.05 -12.57
C PRO B 61 29.01 9.38 -11.33
N PRO B 62 29.05 8.06 -11.24
CA PRO B 62 28.61 7.41 -10.01
C PRO B 62 29.54 7.82 -8.87
N MET B 63 28.97 8.06 -7.70
CA MET B 63 29.75 8.38 -6.53
C MET B 63 29.23 7.59 -5.33
N TYR B 64 30.14 7.27 -4.41
CA TYR B 64 29.81 6.27 -3.42
C TYR B 64 30.70 6.48 -2.21
N LEU B 65 30.19 6.12 -1.04
CA LEU B 65 30.89 6.36 0.22
C LEU B 65 30.51 5.26 1.20
N GLN B 66 31.52 4.55 1.69
CA GLN B 66 31.30 3.64 2.80
C GLN B 66 31.07 4.47 4.06
N ALA B 67 30.00 4.19 4.78
CA ALA B 67 29.74 4.93 6.01
C ALA B 67 28.74 4.15 6.85
N ASP B 68 29.00 4.03 8.14
CA ASP B 68 28.05 3.46 9.09
C ASP B 68 27.05 4.55 9.43
N ILE B 69 25.87 4.49 8.79
CA ILE B 69 24.87 5.55 8.89
C ILE B 69 24.39 5.73 10.32
N GLU B 70 24.47 4.69 11.15
CA GLU B 70 24.12 4.84 12.56
C GLU B 70 25.04 5.85 13.24
N ALA B 71 26.35 5.70 13.03
CA ALA B 71 27.37 6.50 13.69
C ALA B 71 27.86 7.66 12.84
N PHE B 72 27.15 7.99 11.76
CA PHE B 72 27.62 8.94 10.77
C PHE B 72 26.79 10.20 10.86
N ASP B 73 27.46 11.35 10.82
CA ASP B 73 26.74 12.62 10.82
C ASP B 73 26.22 12.86 9.41
N ILE B 74 24.91 12.68 9.21
CA ILE B 74 24.32 12.70 7.88
C ILE B 74 24.53 14.05 7.21
N ARG B 75 24.66 15.12 8.02
CA ARG B 75 24.79 16.46 7.46
C ARG B 75 26.11 16.66 6.73
N GLU B 76 27.06 15.73 6.84
CA GLU B 76 28.26 15.81 6.03
C GLU B 76 27.99 15.53 4.56
N LEU B 77 26.81 14.99 4.24
CA LEU B 77 26.42 14.71 2.86
C LEU B 77 25.83 15.98 2.27
N THR B 78 26.57 16.62 1.37
CA THR B 78 26.12 17.84 0.71
C THR B 78 26.37 17.72 -0.78
N PRO B 79 25.64 18.47 -1.61
CA PRO B 79 24.58 19.44 -1.24
C PRO B 79 23.24 18.79 -0.94
N LYS B 80 22.22 19.60 -0.62
CA LYS B 80 20.89 19.06 -0.37
C LYS B 80 20.40 18.31 -1.60
N PHE B 81 19.72 17.20 -1.38
CA PHE B 81 19.38 16.28 -2.45
C PHE B 81 17.99 16.53 -3.00
N ASP B 82 17.85 16.29 -4.31
CA ASP B 82 16.57 16.35 -4.99
C ASP B 82 15.77 15.07 -4.77
N VAL B 83 16.43 13.93 -4.80
CA VAL B 83 15.81 12.62 -4.64
C VAL B 83 16.61 11.85 -3.59
N ILE B 84 15.91 11.25 -2.64
CA ILE B 84 16.52 10.32 -1.69
C ILE B 84 15.80 8.98 -1.81
N LEU B 85 16.59 7.93 -2.04
CA LEU B 85 16.12 6.55 -2.05
C LEU B 85 16.67 5.90 -0.79
N LEU B 86 15.79 5.40 0.05
CA LEU B 86 16.16 4.99 1.40
C LEU B 86 15.75 3.54 1.57
N GLU B 87 16.72 2.68 1.84
CA GLU B 87 16.54 1.24 1.74
C GLU B 87 17.09 0.55 2.98
N PRO B 88 16.58 0.91 4.17
CA PRO B 88 17.18 0.40 5.41
C PRO B 88 16.98 -1.10 5.53
N PRO B 89 17.99 -1.81 6.03
CA PRO B 89 17.91 -3.28 6.10
C PRO B 89 16.99 -3.79 7.21
N LEU B 90 15.73 -4.04 6.87
CA LEU B 90 14.74 -4.45 7.85
C LEU B 90 14.95 -5.89 8.31
N GLU B 91 14.62 -6.14 9.58
CA GLU B 91 14.70 -7.51 10.10
C GLU B 91 13.86 -8.46 9.26
N GLU B 92 12.67 -8.04 8.85
CA GLU B 92 11.80 -8.94 8.09
C GLU B 92 12.42 -9.39 6.76
N TYR B 93 13.42 -8.65 6.23
CA TYR B 93 14.10 -9.11 5.02
C TYR B 93 14.92 -10.37 5.27
N TYR B 94 15.23 -10.70 6.52
CA TYR B 94 16.02 -11.88 6.85
C TYR B 94 15.12 -12.92 7.51
N ARG B 95 14.25 -13.51 6.71
CA ARG B 95 13.43 -14.63 7.14
C ARG B 95 14.33 -15.77 7.58
N GLU B 96 14.84 -16.54 6.62
CA GLU B 96 15.79 -17.60 6.92
C GLU B 96 17.20 -17.04 7.01
N LYS B 104 23.82 -5.77 10.49
CA LYS B 104 22.98 -5.09 11.49
C LYS B 104 21.60 -4.75 10.96
N CYS B 105 20.57 -5.43 11.44
CA CYS B 105 19.18 -5.04 11.17
C CYS B 105 18.91 -3.63 11.70
N TRP B 106 18.03 -2.91 11.00
CA TRP B 106 17.57 -1.59 11.41
C TRP B 106 16.10 -1.67 11.78
N THR B 107 15.75 -1.22 12.97
CA THR B 107 14.36 -1.15 13.38
C THR B 107 13.77 0.18 12.93
N TRP B 108 12.43 0.23 12.92
CA TRP B 108 11.80 1.50 12.59
C TRP B 108 12.12 2.57 13.62
N ASP B 109 12.45 2.17 14.86
CA ASP B 109 12.97 3.09 15.86
C ASP B 109 14.23 3.80 15.36
N ASP B 110 15.19 3.01 14.85
CA ASP B 110 16.41 3.58 14.28
C ASP B 110 16.11 4.48 13.09
N ILE B 111 15.26 4.00 12.19
CA ILE B 111 15.05 4.71 10.93
C ILE B 111 14.41 6.07 11.20
N MET B 112 13.35 6.06 12.00
CA MET B 112 12.64 7.29 12.35
C MET B 112 13.55 8.34 12.99
N LYS B 113 14.68 7.93 13.56
CA LYS B 113 15.60 8.86 14.20
C LYS B 113 16.64 9.42 13.24
N LEU B 114 16.65 8.98 11.97
CA LEU B 114 17.55 9.57 10.98
C LEU B 114 17.14 11.01 10.68
N GLU B 115 18.12 11.88 10.46
CA GLU B 115 17.81 13.30 10.28
C GLU B 115 17.66 13.64 8.79
N ILE B 116 16.70 12.95 8.13
CA ILE B 116 16.60 13.03 6.68
C ILE B 116 16.27 14.44 6.22
N ASP B 117 15.45 15.15 6.99
CA ASP B 117 15.06 16.50 6.61
C ASP B 117 16.24 17.46 6.59
N GLU B 118 17.33 17.12 7.28
CA GLU B 118 18.52 17.95 7.30
C GLU B 118 19.27 17.92 5.98
N ILE B 119 19.01 16.94 5.12
CA ILE B 119 19.76 16.82 3.87
C ILE B 119 18.88 16.84 2.64
N ALA B 120 17.57 17.01 2.78
CA ALA B 120 16.68 17.06 1.63
C ALA B 120 16.49 18.51 1.18
N ALA B 121 16.39 18.71 -0.13
CA ALA B 121 16.19 20.07 -0.61
C ALA B 121 14.75 20.51 -0.32
N PRO B 122 14.54 21.83 -0.14
CA PRO B 122 13.17 22.32 0.18
C PRO B 122 12.08 21.78 -0.72
N ARG B 123 12.38 21.59 -2.00
CA ARG B 123 11.54 20.82 -2.91
C ARG B 123 12.35 19.58 -3.25
N SER B 124 11.87 18.42 -2.82
CA SER B 124 12.58 17.17 -3.07
C SER B 124 11.64 16.00 -2.87
N PHE B 125 12.13 14.81 -3.22
CA PHE B 125 11.35 13.59 -3.23
C PHE B 125 12.09 12.50 -2.46
N ILE B 126 11.32 11.57 -1.91
CA ILE B 126 11.89 10.45 -1.17
C ILE B 126 11.17 9.20 -1.64
N PHE B 127 11.91 8.10 -1.69
CA PHE B 127 11.40 6.78 -2.02
C PHE B 127 11.85 5.86 -0.91
N LEU B 128 10.90 5.39 -0.10
CA LEU B 128 11.20 4.65 1.12
C LEU B 128 10.65 3.23 0.99
N TRP B 129 11.56 2.24 0.91
CA TRP B 129 11.17 0.83 1.00
C TRP B 129 10.71 0.52 2.42
N CYS B 130 9.48 0.01 2.55
CA CYS B 130 8.82 -0.17 3.84
C CYS B 130 8.49 -1.60 4.16
N GLY B 131 8.76 -2.53 3.25
CA GLY B 131 8.52 -3.92 3.55
C GLY B 131 7.07 -4.25 3.32
N SER B 132 6.53 -5.12 4.14
CA SER B 132 5.15 -5.55 3.98
C SER B 132 4.40 -5.60 5.30
N GLY B 133 5.02 -5.20 6.41
CA GLY B 133 4.40 -5.29 7.73
C GLY B 133 4.14 -3.94 8.33
N GLU B 134 4.60 -3.73 9.57
CA GLU B 134 4.44 -2.48 10.30
C GLU B 134 5.07 -1.30 9.57
N GLY B 135 6.07 -1.54 8.71
CA GLY B 135 6.65 -0.47 7.92
C GLY B 135 5.68 0.32 7.06
N LEU B 136 4.54 -0.28 6.70
CA LEU B 136 3.55 0.46 5.90
C LEU B 136 2.89 1.56 6.73
N ASP B 137 2.95 1.45 8.05
CA ASP B 137 2.46 2.48 8.95
C ASP B 137 3.58 3.37 9.46
N LEU B 138 4.65 2.75 9.98
CA LEU B 138 5.75 3.54 10.55
C LEU B 138 6.47 4.33 9.46
N GLY B 139 6.55 3.79 8.24
CA GLY B 139 7.16 4.55 7.16
C GLY B 139 6.39 5.79 6.77
N ARG B 140 5.07 5.75 6.88
CA ARG B 140 4.27 6.97 6.73
C ARG B 140 4.54 7.96 7.86
N VAL B 141 4.67 7.46 9.11
CA VAL B 141 5.07 8.33 10.22
C VAL B 141 6.41 9.00 9.89
N CYS B 142 7.36 8.21 9.38
CA CYS B 142 8.67 8.75 9.03
C CYS B 142 8.53 9.86 8.00
N LEU B 143 7.82 9.57 6.91
CA LEU B 143 7.65 10.57 5.85
C LEU B 143 7.10 11.86 6.43
N ARG B 144 6.05 11.76 7.25
CA ARG B 144 5.52 12.97 7.87
C ARG B 144 6.55 13.59 8.80
N LYS B 145 7.27 12.77 9.58
CA LYS B 145 8.24 13.32 10.52
C LYS B 145 9.30 14.16 9.80
N TRP B 146 9.71 13.74 8.61
CA TRP B 146 10.74 14.40 7.81
C TRP B 146 10.19 15.51 6.93
N GLY B 147 8.87 15.72 6.91
CA GLY B 147 8.30 16.83 6.19
C GLY B 147 7.73 16.53 4.82
N TYR B 148 7.53 15.26 4.47
CA TYR B 148 6.94 14.90 3.18
C TYR B 148 5.49 14.50 3.33
N ARG B 149 4.78 14.50 2.23
CA ARG B 149 3.49 13.85 2.13
C ARG B 149 3.57 12.75 1.08
N ARG B 150 2.89 11.64 1.33
CA ARG B 150 2.89 10.53 0.38
C ARG B 150 2.07 10.90 -0.85
N CYS B 151 2.66 10.76 -2.04
CA CYS B 151 1.87 10.93 -3.25
C CYS B 151 1.73 9.65 -4.08
N GLU B 152 2.62 8.68 -3.93
CA GLU B 152 2.45 7.41 -4.61
C GLU B 152 2.83 6.27 -3.67
N ASP B 153 2.26 5.12 -3.94
CA ASP B 153 2.55 3.87 -3.24
C ASP B 153 2.90 2.87 -4.34
N ILE B 154 4.18 2.53 -4.47
CA ILE B 154 4.67 1.63 -5.52
C ILE B 154 4.81 0.23 -4.92
N CYS B 155 4.04 -0.75 -5.43
CA CYS B 155 4.12 -2.12 -4.95
C CYS B 155 5.00 -2.98 -5.86
N TRP B 156 6.00 -3.60 -5.25
CA TRP B 156 6.81 -4.65 -5.86
C TRP B 156 6.11 -5.97 -5.62
N ILE B 157 5.51 -6.52 -6.65
CA ILE B 157 4.75 -7.76 -6.57
C ILE B 157 5.64 -8.92 -7.00
N LYS B 158 5.75 -9.93 -6.13
CA LYS B 158 6.69 -11.03 -6.31
C LYS B 158 5.96 -12.27 -6.81
N THR B 159 6.35 -12.77 -7.98
CA THR B 159 5.81 -14.03 -8.48
C THR B 159 6.58 -15.21 -7.89
N ASN B 160 5.94 -16.38 -7.90
CA ASN B 160 6.62 -17.59 -7.48
C ASN B 160 6.52 -18.65 -8.57
N LYS B 161 6.69 -18.23 -9.83
CA LYS B 161 6.52 -19.15 -10.96
C LYS B 161 7.52 -20.31 -10.89
N ASN B 162 8.65 -20.12 -10.22
CA ASN B 162 9.68 -21.14 -10.19
C ASN B 162 9.62 -22.04 -8.97
N ASN B 163 8.91 -21.64 -7.91
CA ASN B 163 8.74 -22.50 -6.74
C ASN B 163 7.31 -22.39 -6.23
N PRO B 164 6.33 -22.82 -7.04
CA PRO B 164 4.94 -22.91 -6.53
C PRO B 164 4.82 -23.68 -5.24
N GLY B 165 5.64 -24.71 -5.06
CA GLY B 165 5.59 -25.52 -3.85
C GLY B 165 6.55 -25.03 -2.78
N LYS B 166 6.37 -23.79 -2.34
CA LYS B 166 7.18 -23.20 -1.27
C LYS B 166 6.25 -22.33 -0.44
N THR B 167 5.67 -22.91 0.61
CA THR B 167 4.77 -22.16 1.48
C THR B 167 5.55 -21.09 2.23
N LYS B 168 4.84 -20.01 2.57
CA LYS B 168 5.43 -18.87 3.26
C LYS B 168 5.23 -18.99 4.77
N THR B 169 6.26 -18.62 5.53
CA THR B 169 6.22 -18.68 6.99
C THR B 169 5.78 -17.32 7.52
N LEU B 170 4.58 -17.26 8.10
CA LEU B 170 3.88 -16.00 8.29
C LEU B 170 4.33 -15.24 9.55
N ASP B 171 4.40 -13.91 9.43
CA ASP B 171 4.47 -13.05 10.60
C ASP B 171 3.30 -13.42 11.53
N PRO B 172 3.52 -13.44 12.84
CA PRO B 172 2.43 -13.81 13.78
C PRO B 172 1.15 -13.04 13.54
N LYS B 173 1.24 -11.76 13.20
CA LYS B 173 0.05 -10.93 13.03
C LYS B 173 -0.56 -11.05 11.64
N ALA B 174 0.12 -11.69 10.69
CA ALA B 174 -0.39 -11.77 9.32
C ALA B 174 -1.73 -12.51 9.25
N VAL B 175 -2.60 -12.05 8.37
CA VAL B 175 -3.87 -12.69 8.06
C VAL B 175 -3.68 -13.44 6.74
N PHE B 176 -2.77 -12.96 5.91
CA PHE B 176 -2.58 -13.49 4.58
C PHE B 176 -1.10 -13.74 4.34
N GLN B 177 -0.80 -14.57 3.33
CA GLN B 177 0.59 -14.73 2.92
C GLN B 177 1.03 -13.44 2.26
N ARG B 178 2.19 -12.93 2.68
CA ARG B 178 2.67 -11.65 2.17
C ARG B 178 3.57 -11.88 0.96
N THR B 179 3.16 -11.35 -0.19
CA THR B 179 3.80 -11.59 -1.47
C THR B 179 4.22 -10.30 -2.18
N LYS B 180 4.37 -9.19 -1.44
CA LYS B 180 4.73 -7.92 -2.05
C LYS B 180 5.49 -7.07 -1.04
N GLU B 181 6.19 -6.06 -1.55
CA GLU B 181 6.79 -5.03 -0.72
C GLU B 181 6.36 -3.68 -1.27
N HIS B 182 6.27 -2.67 -0.38
CA HIS B 182 5.85 -1.33 -0.79
C HIS B 182 7.02 -0.34 -0.70
N CYS B 183 7.15 0.49 -1.72
CA CYS B 183 8.10 1.61 -1.75
C CYS B 183 7.27 2.88 -1.81
N LEU B 184 7.29 3.66 -0.71
CA LEU B 184 6.47 4.87 -0.61
C LEU B 184 7.20 6.07 -1.22
N MET B 185 6.48 6.79 -2.08
CA MET B 185 7.01 8.01 -2.69
C MET B 185 6.43 9.22 -1.97
N GLY B 186 7.31 10.12 -1.56
CA GLY B 186 6.91 11.30 -0.81
C GLY B 186 7.50 12.54 -1.45
N ILE B 187 6.78 13.65 -1.28
CA ILE B 187 7.16 14.93 -1.86
C ILE B 187 7.17 15.98 -0.75
N LYS B 188 8.14 16.89 -0.80
CA LYS B 188 8.09 18.05 0.07
C LYS B 188 8.32 19.28 -0.77
N GLY B 189 7.62 20.35 -0.44
CA GLY B 189 7.64 21.56 -1.23
C GLY B 189 6.62 21.52 -2.34
N THR B 190 6.66 22.55 -3.19
CA THR B 190 5.71 22.71 -4.28
C THR B 190 5.83 21.60 -5.33
N VAL B 204 4.24 8.08 -17.67
CA VAL B 204 4.66 6.92 -18.45
C VAL B 204 4.63 5.61 -17.65
N ASP B 205 4.97 5.67 -16.37
CA ASP B 205 5.13 4.46 -15.56
C ASP B 205 3.89 4.19 -14.72
N ILE B 206 3.76 2.93 -14.31
CA ILE B 206 2.69 2.44 -13.47
C ILE B 206 3.26 2.19 -12.08
N ASP B 207 2.38 2.15 -11.08
CA ASP B 207 2.85 2.00 -9.69
C ASP B 207 3.04 0.54 -9.27
N LEU B 208 3.49 -0.32 -10.19
CA LEU B 208 3.68 -1.74 -9.90
C LEU B 208 4.99 -2.20 -10.50
N ILE B 209 5.71 -3.03 -9.77
CA ILE B 209 6.85 -3.78 -10.30
C ILE B 209 6.59 -5.25 -10.07
N ILE B 210 6.73 -6.06 -11.12
CA ILE B 210 6.47 -7.50 -11.05
C ILE B 210 7.73 -8.24 -11.45
N THR B 211 8.32 -8.97 -10.50
CA THR B 211 9.44 -9.86 -10.76
C THR B 211 9.27 -11.12 -9.94
N GLU B 212 10.13 -12.09 -10.20
CA GLU B 212 10.13 -13.34 -9.45
C GLU B 212 10.74 -13.12 -8.08
N GLU B 213 10.22 -13.84 -7.10
CA GLU B 213 10.76 -13.70 -5.76
C GLU B 213 12.22 -14.10 -5.73
N PRO B 214 13.11 -13.27 -5.21
CA PRO B 214 14.53 -13.64 -5.16
C PRO B 214 14.75 -14.81 -4.22
N GLU B 215 15.90 -15.48 -4.40
CA GLU B 215 16.29 -16.59 -3.55
C GLU B 215 16.38 -16.13 -2.10
N ILE B 216 16.29 -17.10 -1.17
CA ILE B 216 16.28 -16.77 0.24
C ILE B 216 17.58 -16.07 0.61
N GLY B 217 17.47 -14.97 1.35
CA GLY B 217 18.63 -14.21 1.75
C GLY B 217 19.11 -13.17 0.75
N ASN B 218 18.64 -13.20 -0.50
CA ASN B 218 18.86 -12.10 -1.42
C ASN B 218 17.96 -10.94 -1.01
N ILE B 219 18.56 -9.83 -0.60
CA ILE B 219 17.79 -8.67 -0.15
C ILE B 219 17.67 -7.59 -1.20
N GLU B 220 18.20 -7.80 -2.41
CA GLU B 220 18.22 -6.74 -3.40
C GLU B 220 16.79 -6.34 -3.75
N LYS B 221 16.58 -5.05 -3.98
CA LYS B 221 15.30 -4.64 -4.52
C LYS B 221 15.40 -4.54 -6.04
N PRO B 222 14.29 -4.65 -6.75
CA PRO B 222 14.37 -4.65 -8.22
C PRO B 222 14.93 -3.35 -8.76
N VAL B 223 15.87 -3.46 -9.70
CA VAL B 223 16.51 -2.30 -10.31
C VAL B 223 15.50 -1.42 -11.03
N GLU B 224 14.33 -1.96 -11.38
CA GLU B 224 13.29 -1.15 -12.01
C GLU B 224 12.90 0.08 -11.19
N ILE B 225 13.06 0.03 -9.86
CA ILE B 225 12.72 1.23 -9.08
C ILE B 225 13.57 2.41 -9.52
N PHE B 226 14.81 2.15 -9.97
CA PHE B 226 15.63 3.25 -10.45
C PHE B 226 15.08 3.83 -11.74
N HIS B 227 14.48 3.00 -12.57
CA HIS B 227 13.97 3.48 -13.85
C HIS B 227 12.77 4.39 -13.62
N ILE B 228 11.84 3.96 -12.77
CA ILE B 228 10.69 4.79 -12.42
C ILE B 228 11.14 6.14 -11.87
N ILE B 229 12.11 6.12 -10.95
CA ILE B 229 12.56 7.37 -10.32
C ILE B 229 13.18 8.29 -11.37
N GLU B 230 14.13 7.76 -12.14
CA GLU B 230 14.82 8.61 -13.11
C GLU B 230 13.86 9.15 -14.17
N HIS B 231 12.82 8.38 -14.51
CA HIS B 231 11.83 8.84 -15.49
C HIS B 231 10.99 10.01 -14.99
N PHE B 232 10.97 10.27 -13.68
CA PHE B 232 10.24 11.43 -13.17
C PHE B 232 10.92 12.74 -13.50
N CYS B 233 12.21 12.73 -13.86
CA CYS B 233 12.97 13.95 -14.13
C CYS B 233 12.89 14.95 -12.97
N LEU B 234 13.35 14.52 -11.80
CA LEU B 234 13.19 15.30 -10.57
C LEU B 234 14.39 16.17 -10.22
N GLY B 235 15.41 16.23 -11.05
CA GLY B 235 16.66 16.83 -10.66
C GLY B 235 17.76 15.79 -10.50
N ARG B 236 18.98 16.28 -10.38
CA ARG B 236 20.16 15.44 -10.57
C ARG B 236 20.89 15.08 -9.29
N ARG B 237 20.55 15.66 -8.14
CA ARG B 237 21.18 15.29 -6.88
C ARG B 237 20.39 14.12 -6.30
N ARG B 238 20.91 12.91 -6.49
CA ARG B 238 20.20 11.69 -6.14
C ARG B 238 21.05 10.89 -5.16
N LEU B 239 20.46 10.60 -4.00
CA LEU B 239 21.13 9.92 -2.90
C LEU B 239 20.46 8.58 -2.65
N HIS B 240 21.27 7.51 -2.55
CA HIS B 240 20.80 6.18 -2.18
C HIS B 240 21.41 5.79 -0.85
N LEU B 241 20.61 5.83 0.21
CA LEU B 241 21.09 5.45 1.53
C LEU B 241 20.83 3.97 1.73
N PHE B 242 21.85 3.27 2.26
CA PHE B 242 21.90 1.82 2.41
C PHE B 242 22.05 1.08 1.07
N GLY B 243 22.61 1.73 0.06
CA GLY B 243 23.02 1.05 -1.14
C GLY B 243 24.22 0.16 -0.87
N ARG B 244 24.63 -0.58 -1.90
CA ARG B 244 25.70 -1.56 -1.78
C ARG B 244 26.59 -1.46 -3.01
N ASP B 245 27.73 -2.16 -3.00
CA ASP B 245 28.56 -2.21 -4.20
C ASP B 245 27.71 -2.55 -5.43
N SER B 246 26.78 -3.49 -5.27
CA SER B 246 25.98 -3.97 -6.38
C SER B 246 24.91 -2.97 -6.83
N THR B 247 24.62 -1.92 -6.06
CA THR B 247 23.60 -0.96 -6.50
C THR B 247 24.18 0.31 -7.08
N ILE B 248 25.51 0.49 -7.02
CA ILE B 248 26.11 1.73 -7.50
C ILE B 248 25.77 1.91 -8.99
N ARG B 249 25.61 3.16 -9.40
CA ARG B 249 24.89 3.45 -10.62
C ARG B 249 25.19 4.87 -11.03
N PRO B 250 25.36 5.15 -12.31
CA PRO B 250 25.60 6.54 -12.72
C PRO B 250 24.42 7.40 -12.35
N GLY B 251 24.70 8.66 -12.09
CA GLY B 251 23.66 9.58 -11.70
C GLY B 251 23.30 9.55 -10.23
N TRP B 252 23.94 8.69 -9.43
CA TRP B 252 23.58 8.47 -8.05
C TRP B 252 24.80 8.55 -7.16
N LEU B 253 24.60 9.11 -5.97
CA LEU B 253 25.52 8.97 -4.84
C LEU B 253 24.98 7.87 -3.93
N THR B 254 25.79 6.85 -3.71
CA THR B 254 25.44 5.68 -2.90
C THR B 254 26.20 5.74 -1.58
N VAL B 255 25.48 5.58 -0.47
CA VAL B 255 26.07 5.64 0.87
C VAL B 255 25.55 4.46 1.67
N GLY B 256 26.47 3.66 2.22
CA GLY B 256 26.07 2.54 3.03
C GLY B 256 27.24 1.87 3.73
N PRO B 257 26.93 1.05 4.75
CA PRO B 257 28.00 0.48 5.58
C PRO B 257 28.82 -0.61 4.89
N THR B 258 28.28 -1.32 3.91
CA THR B 258 29.01 -2.46 3.35
C THR B 258 29.78 -2.11 2.09
N LEU B 259 29.80 -0.84 1.67
CA LEU B 259 30.63 -0.48 0.51
C LEU B 259 32.06 -0.87 0.79
N THR B 260 32.73 -1.45 -0.22
CA THR B 260 34.12 -1.81 -0.05
C THR B 260 35.06 -0.68 -0.44
N ASN B 261 34.57 0.32 -1.14
CA ASN B 261 35.42 1.40 -1.63
C ASN B 261 34.63 2.68 -1.57
N SER B 262 35.35 3.80 -1.57
CA SER B 262 34.73 5.12 -1.66
C SER B 262 35.45 5.99 -2.69
N ASN B 263 34.71 6.94 -3.23
CA ASN B 263 35.30 7.98 -4.05
C ASN B 263 34.61 9.31 -3.78
N TYR B 264 33.75 9.38 -2.77
CA TYR B 264 33.01 10.59 -2.47
C TYR B 264 33.94 11.71 -2.04
N ASN B 265 33.71 12.89 -2.57
CA ASN B 265 34.36 14.12 -2.14
C ASN B 265 33.34 15.23 -2.34
N ALA B 266 32.98 15.92 -1.26
CA ALA B 266 31.81 16.80 -1.30
C ALA B 266 32.03 17.96 -2.26
N GLU B 267 33.26 18.46 -2.35
CA GLU B 267 33.53 19.55 -3.27
C GLU B 267 33.46 19.07 -4.72
N THR B 268 34.12 17.95 -5.03
CA THR B 268 33.94 17.37 -6.36
C THR B 268 32.48 17.12 -6.67
N TYR B 269 31.72 16.61 -5.69
CA TYR B 269 30.32 16.28 -5.98
C TYR B 269 29.50 17.55 -6.25
N ALA B 270 29.63 18.55 -5.38
CA ALA B 270 28.94 19.82 -5.58
C ALA B 270 29.28 20.45 -6.93
N SER B 271 30.49 20.22 -7.43
CA SER B 271 30.89 20.82 -8.69
C SER B 271 30.09 20.30 -9.88
N TYR B 272 29.48 19.12 -9.78
CA TYR B 272 28.63 18.66 -10.89
C TYR B 272 27.37 19.49 -11.03
N PHE B 273 26.99 20.24 -9.99
CA PHE B 273 25.73 20.98 -9.99
C PHE B 273 25.92 22.48 -9.90
N SER B 274 27.15 22.98 -9.88
CA SER B 274 27.35 24.41 -9.94
C SER B 274 26.91 24.96 -11.30
N ALA B 275 26.61 26.26 -11.33
CA ALA B 275 26.10 26.94 -12.52
C ALA B 275 27.02 26.67 -13.70
N PRO B 276 26.46 26.55 -14.92
CA PRO B 276 25.05 26.73 -15.28
C PRO B 276 24.13 25.51 -15.09
N ASN B 277 24.51 24.54 -14.25
CA ASN B 277 23.82 23.25 -14.22
C ASN B 277 22.98 23.06 -12.95
N SER B 278 22.67 24.14 -12.24
CA SER B 278 22.05 24.03 -10.90
C SER B 278 20.65 23.42 -10.94
N TYR B 279 19.87 23.69 -11.99
CA TYR B 279 18.45 23.38 -11.98
C TYR B 279 18.03 22.38 -13.06
N LEU B 280 18.98 21.68 -13.68
CA LEU B 280 18.62 20.69 -14.68
C LEU B 280 17.72 19.61 -14.07
N THR B 281 16.83 19.06 -14.89
CA THR B 281 15.94 18.02 -14.42
C THR B 281 16.56 16.63 -14.48
N GLY B 282 17.66 16.47 -15.21
CA GLY B 282 18.15 15.15 -15.49
C GLY B 282 17.56 14.50 -16.72
N CYS B 283 16.70 15.21 -17.46
CA CYS B 283 16.05 14.69 -18.65
C CYS B 283 16.24 15.59 -19.87
N THR B 284 17.17 16.53 -19.82
CA THR B 284 17.40 17.45 -20.92
C THR B 284 18.85 17.39 -21.35
N GLU B 285 19.16 18.09 -22.43
CA GLU B 285 20.50 18.11 -22.97
C GLU B 285 21.45 18.87 -22.05
N GLU B 286 22.72 18.47 -22.05
CA GLU B 286 23.73 19.23 -21.33
C GLU B 286 23.89 20.61 -21.96
N ILE B 287 24.18 21.59 -21.12
CA ILE B 287 24.36 22.98 -21.57
C ILE B 287 25.78 23.13 -22.11
N GLU B 288 25.90 23.57 -23.36
CA GLU B 288 27.19 23.68 -24.05
C GLU B 288 28.17 24.60 -23.31
C13 UZ5 C . -18.09 4.36 -2.81
C15 UZ5 C . -18.91 4.42 -3.95
C17 UZ5 C . -21.05 3.49 -3.00
C20 UZ5 C . -24.16 3.92 -0.67
C21 UZ5 C . -21.78 5.59 -1.34
C22 UZ5 C . -23.01 6.08 -0.53
C24 UZ5 C . -24.26 5.23 1.45
C26 UZ5 C . -25.47 4.46 3.28
C28 UZ5 C . -24.75 6.70 3.25
C01 UZ5 C . -12.53 -1.22 -5.08
C02 UZ5 C . -12.81 0.29 -5.31
C03 UZ5 C . -12.13 0.76 -6.58
C04 UZ5 C . -12.28 1.14 -4.13
C05 UZ5 C . -12.87 2.60 -4.24
C07 UZ5 C . -14.57 3.96 -4.39
C08 UZ5 C . -16.13 4.13 -4.21
C09 UZ5 C . -16.95 4.19 -5.35
C11 UZ5 C . -18.34 4.33 -5.22
C12 UZ5 C . -16.70 4.21 -2.94
C18 UZ5 C . -22.11 4.32 -2.22
C19 UZ5 C . -23.08 3.27 -1.54
C30 UZ5 C . -24.54 9.26 3.12
C31 UZ5 C . -24.17 6.49 2.02
C33 UZ5 C . -21.21 4.85 -5.05
C34 UZ5 C . -22.65 5.10 -4.57
C36 UZ5 C . -14.67 1.99 -5.36
C37 UZ5 C . -14.33 0.51 -5.44
F10 UZ5 C . -16.41 4.10 -6.59
F14 UZ5 C . -18.63 4.46 -1.56
N06 UZ5 C . -14.21 2.65 -4.33
N16 UZ5 C . -20.40 4.54 -3.86
N23 UZ5 C . -23.65 4.99 0.11
N25 UZ5 C . -24.91 4.24 2.06
N27 UZ5 C . -25.39 5.70 3.87
N29 UZ5 C . -24.68 8.02 3.91
N32 UZ5 C . -23.06 4.86 -3.19
O35 UZ5 C . -23.44 5.53 -5.33
C ACT D . 1.34 11.17 4.68
O ACT D . 1.20 11.85 3.64
OXT ACT D . 0.64 11.19 5.71
CH3 ACT D . 2.57 10.18 4.74
#